data_3FTS
#
_entry.id   3FTS
#
_cell.length_a   78.028
_cell.length_b   87.180
_cell.length_c   98.750
_cell.angle_alpha   90.00
_cell.angle_beta   90.00
_cell.angle_gamma   90.00
#
_symmetry.space_group_name_H-M   'P 21 21 21'
#
loop_
_entity.id
_entity.type
_entity.pdbx_description
1 polymer 'Leukotriene A-4 hydrolase'
2 non-polymer 'ZINC ION'
3 non-polymer 'YTTERBIUM (III) ION'
4 non-polymer RESVERATROL
5 non-polymer 'ACETATE ION'
6 non-polymer IMIDAZOLE
7 water water
#
_entity_poly.entity_id   1
_entity_poly.type   'polypeptide(L)'
_entity_poly.pdbx_seq_one_letter_code
;MPEIVDTCSLASPASVCRTKHLHLRCSVDFTRRTLTGTAALTVQSQEDNLRSLVLDTKDLTIEKVVINGQEVKYALGERQ
SYKGSPMEISLPIALSKNQEIVIEISFETSPKSSALQWLTPEQTSGKEHPYLFSQCQAIHCRAILPCQDTPSVKLTYTAE
VSVPKELVALMSAIRDGETPDPEDPSRKIYKFIQKVPIPCYLIALVVGALESRQIGPRTLVWSEKEQVEKSAYEFSETES
MLKIAEDLGGPYVWGQYDLLVLPPSFPYGGMENPCLTFVTPTLLAGDKSLSNVIAHEISHSWTGNLVTNKTWDHFWLNEG
HTVYLERHICGRLFGEKFRHFNALGGWGELQNSVKTFGETHPFTKLVVDLTDIDPDVAYSSVPYEKGFALLFYLEQLLGG
PEIFLGFLKAYVEKFSYKSITTDDWKDFLYSYFKDKVDVLNQVDWNAWLYSPGLPPIKPNYDMTLTNACIALSQRWITAK
EDDLNSFNATDLKDLSSHQLNEFLAQTLQRAPLPLGHIKRMQEVYNFNAINNSEIRFRWLRLCIQSKWEDAIPLALKMAT
EQGRMKFTRPLFKDLAAFDKSHDQAVRTYQEHKASMHPVTAMLVGKDLKVD
;
_entity_poly.pdbx_strand_id   A
#
loop_
_chem_comp.id
_chem_comp.type
_chem_comp.name
_chem_comp.formula
ACT non-polymer 'ACETATE ION' 'C2 H3 O2 -1'
IMD non-polymer IMIDAZOLE 'C3 H5 N2 1'
STL non-polymer RESVERATROL 'C14 H12 O3'
YB non-polymer 'YTTERBIUM (III) ION' 'Yb 3'
ZN non-polymer 'ZINC ION' 'Zn 2'
#
# COMPACT_ATOMS: atom_id res chain seq x y z
N VAL A 5 5.67 -17.37 -14.93
CA VAL A 5 5.10 -16.28 -15.82
C VAL A 5 4.29 -15.23 -15.07
N ASP A 6 4.52 -13.97 -15.42
CA ASP A 6 3.74 -12.87 -14.84
C ASP A 6 2.60 -12.49 -15.78
N THR A 7 1.41 -12.95 -15.44
CA THR A 7 0.23 -12.72 -16.29
C THR A 7 -0.32 -11.29 -16.26
N CYS A 8 0.28 -10.41 -15.45
CA CYS A 8 -0.13 -9.01 -15.35
C CYS A 8 0.78 -8.11 -16.21
N SER A 9 1.76 -8.74 -16.86
CA SER A 9 2.80 -8.02 -17.55
C SER A 9 2.79 -8.49 -19.00
N LEU A 10 2.99 -7.54 -19.93
CA LEU A 10 3.03 -7.85 -21.35
C LEU A 10 4.48 -7.84 -21.86
N ALA A 11 5.43 -7.65 -20.93
CA ALA A 11 6.84 -7.55 -21.27
C ALA A 11 7.45 -8.93 -21.44
N SER A 12 8.66 -8.98 -22.00
CA SER A 12 9.43 -10.22 -22.06
C SER A 12 9.70 -10.65 -20.64
N PRO A 13 9.49 -11.94 -20.32
CA PRO A 13 9.81 -12.49 -19.02
C PRO A 13 11.31 -12.47 -18.65
N ALA A 14 11.59 -12.62 -17.37
CA ALA A 14 12.93 -12.61 -16.82
C ALA A 14 13.76 -13.72 -17.42
N SER A 15 13.08 -14.68 -18.03
CA SER A 15 13.75 -15.86 -18.60
C SER A 15 14.29 -15.53 -20.00
N VAL A 16 13.79 -14.43 -20.57
CA VAL A 16 14.22 -13.94 -21.88
C VAL A 16 15.31 -12.83 -21.74
N CYS A 17 15.03 -11.84 -20.90
CA CYS A 17 15.96 -10.74 -20.62
C CYS A 17 15.64 -10.09 -19.28
N ARG A 18 16.61 -9.39 -18.72
CA ARG A 18 16.46 -8.76 -17.43
C ARG A 18 17.00 -7.34 -17.47
N THR A 19 16.19 -6.40 -17.00
CA THR A 19 16.69 -5.06 -16.67
C THR A 19 17.56 -5.10 -15.41
N LYS A 20 18.77 -4.57 -15.53
CA LYS A 20 19.72 -4.48 -14.45
C LYS A 20 19.71 -3.08 -13.83
N HIS A 21 19.36 -2.08 -14.64
CA HIS A 21 19.49 -0.65 -14.27
C HIS A 21 18.60 0.23 -15.14
N LEU A 22 18.12 1.29 -14.51
CA LEU A 22 17.41 2.38 -15.14
C LEU A 22 18.11 3.68 -14.86
N HIS A 23 18.51 4.39 -15.90
CA HIS A 23 18.81 5.78 -15.66
C HIS A 23 17.67 6.67 -16.18
N LEU A 24 16.98 7.35 -15.29
CA LEU A 24 15.88 8.24 -15.68
C LEU A 24 16.31 9.72 -15.67
N ARG A 25 16.26 10.38 -16.82
CA ARG A 25 16.36 11.84 -16.88
C ARG A 25 14.99 12.32 -17.32
N CYS A 26 14.34 13.12 -16.48
CA CYS A 26 13.02 13.63 -16.82
C CYS A 26 12.78 15.04 -16.27
N SER A 27 11.75 15.70 -16.81
CA SER A 27 11.35 17.00 -16.41
C SER A 27 9.86 16.93 -16.06
N VAL A 28 9.49 17.59 -14.95
CA VAL A 28 8.11 17.61 -14.49
C VAL A 28 7.43 18.90 -14.96
N ASP A 29 6.48 18.76 -15.87
CA ASP A 29 5.77 19.88 -16.48
C ASP A 29 4.36 20.06 -15.95
N PHE A 30 4.21 20.91 -14.94
CA PHE A 30 2.92 21.12 -14.30
C PHE A 30 1.90 21.82 -15.24
N THR A 31 2.40 22.56 -16.22
CA THR A 31 1.53 23.26 -17.21
C THR A 31 0.76 22.23 -18.04
N ARG A 32 1.45 21.16 -18.45
CA ARG A 32 0.84 20.13 -19.31
C ARG A 32 0.42 18.87 -18.53
N ARG A 33 0.70 18.86 -17.23
CA ARG A 33 0.64 17.64 -16.38
C ARG A 33 1.27 16.44 -17.11
N THR A 34 2.47 16.66 -17.62
CA THR A 34 3.24 15.57 -18.17
C THR A 34 4.61 15.49 -17.52
N LEU A 35 5.17 14.29 -17.59
CA LEU A 35 6.55 14.03 -17.26
C LEU A 35 7.13 13.61 -18.61
N THR A 36 8.21 14.27 -19.00
CA THR A 36 8.87 14.03 -20.29
C THR A 36 10.34 13.71 -20.04
N GLY A 37 10.92 12.78 -20.81
CA GLY A 37 12.34 12.57 -20.75
C GLY A 37 12.79 11.24 -21.30
N THR A 38 13.90 10.72 -20.77
CA THR A 38 14.44 9.47 -21.26
C THR A 38 14.56 8.43 -20.15
N ALA A 39 14.23 7.20 -20.50
CA ALA A 39 14.41 6.07 -19.64
C ALA A 39 15.48 5.26 -20.36
N ALA A 40 16.69 5.21 -19.81
CA ALA A 40 17.78 4.41 -20.40
C ALA A 40 17.84 3.11 -19.63
N LEU A 41 17.42 2.03 -20.27
CA LEU A 41 17.41 0.71 -19.64
C LEU A 41 18.63 -0.13 -19.99
N THR A 42 19.42 -0.49 -18.98
CA THR A 42 20.51 -1.49 -19.15
C THR A 42 19.93 -2.88 -19.09
N VAL A 43 19.83 -3.54 -20.23
CA VAL A 43 19.18 -4.83 -20.30
C VAL A 43 20.20 -5.98 -20.54
N GLN A 44 20.12 -7.02 -19.72
CA GLN A 44 20.91 -8.24 -19.94
C GLN A 44 20.14 -9.42 -20.65
N SER A 45 20.62 -9.89 -21.79
CA SER A 45 19.92 -10.97 -22.47
C SER A 45 20.07 -12.27 -21.68
N GLN A 46 19.02 -13.08 -21.61
CA GLN A 46 19.13 -14.35 -20.90
C GLN A 46 19.11 -15.48 -21.91
N GLU A 47 18.98 -15.10 -23.18
CA GLU A 47 18.82 -16.03 -24.31
C GLU A 47 19.91 -15.83 -25.33
N ASP A 48 20.22 -16.90 -26.06
CA ASP A 48 21.06 -16.79 -27.20
C ASP A 48 20.35 -16.18 -28.40
N ASN A 49 21.07 -15.41 -29.19
CA ASN A 49 20.53 -14.87 -30.44
C ASN A 49 19.28 -14.02 -30.22
N LEU A 50 19.31 -13.15 -29.20
CA LEU A 50 18.16 -12.31 -28.91
C LEU A 50 18.08 -11.12 -29.87
N ARG A 51 16.95 -11.01 -30.55
CA ARG A 51 16.74 -9.99 -31.56
C ARG A 51 15.66 -8.99 -31.25
N SER A 52 14.74 -9.31 -30.37
CA SER A 52 13.75 -8.32 -29.95
C SER A 52 13.35 -8.58 -28.52
N LEU A 53 12.81 -7.53 -27.89
CA LEU A 53 12.21 -7.69 -26.58
C LEU A 53 10.94 -6.80 -26.46
N VAL A 54 10.08 -7.13 -25.49
CA VAL A 54 8.84 -6.43 -25.31
C VAL A 54 8.84 -5.75 -23.96
N LEU A 55 8.32 -4.52 -23.92
CA LEU A 55 8.18 -3.72 -22.68
C LEU A 55 6.72 -3.34 -22.33
N ASP A 56 6.46 -3.09 -21.05
CA ASP A 56 5.14 -2.60 -20.65
C ASP A 56 5.09 -1.10 -20.89
N THR A 57 3.95 -0.63 -21.44
CA THR A 57 3.62 0.77 -21.40
C THR A 57 2.14 0.94 -21.08
N LYS A 58 1.75 2.11 -20.61
CA LYS A 58 0.35 2.43 -20.41
C LYS A 58 0.22 3.91 -20.62
N ASP A 59 -0.51 4.30 -21.69
CA ASP A 59 -0.72 5.73 -22.06
C ASP A 59 0.56 6.51 -22.15
N LEU A 60 1.64 5.90 -22.66
CA LEU A 60 2.84 6.67 -22.91
C LEU A 60 2.88 7.08 -24.37
N THR A 61 3.44 8.25 -24.65
CA THR A 61 3.71 8.65 -26.03
C THR A 61 5.20 8.43 -26.26
N ILE A 62 5.56 7.48 -27.15
CA ILE A 62 6.96 7.25 -27.45
C ILE A 62 7.45 8.17 -28.58
N GLU A 63 8.50 8.94 -28.31
CA GLU A 63 9.14 9.77 -29.34
C GLU A 63 10.06 8.92 -30.22
N LYS A 64 11.04 8.27 -29.58
CA LYS A 64 12.06 7.48 -30.25
C LYS A 64 12.76 6.49 -29.28
N VAL A 65 13.45 5.51 -29.87
CA VAL A 65 14.23 4.53 -29.15
C VAL A 65 15.61 4.48 -29.81
N VAL A 66 16.65 4.56 -28.99
CA VAL A 66 18.01 4.72 -29.47
C VAL A 66 18.93 3.70 -28.81
N ILE A 67 19.58 2.90 -29.65
CA ILE A 67 20.59 1.97 -29.20
C ILE A 67 21.89 2.20 -29.98
N ASN A 68 23.00 2.39 -29.28
CA ASN A 68 24.30 2.63 -29.89
C ASN A 68 24.32 3.87 -30.76
N GLY A 69 23.71 4.97 -30.29
CA GLY A 69 23.76 6.23 -30.99
C GLY A 69 22.73 6.42 -32.11
N GLN A 70 21.98 5.37 -32.43
CA GLN A 70 21.09 5.41 -33.57
C GLN A 70 19.65 4.97 -33.20
N GLU A 71 18.67 5.57 -33.86
CA GLU A 71 17.28 5.18 -33.67
C GLU A 71 16.99 3.77 -34.23
N VAL A 72 16.09 3.04 -33.56
CA VAL A 72 15.80 1.68 -33.96
C VAL A 72 14.29 1.56 -34.09
N LYS A 73 13.82 0.42 -34.63
CA LYS A 73 12.39 0.19 -34.78
C LYS A 73 11.73 -0.34 -33.52
N TYR A 74 10.49 0.07 -33.29
CA TYR A 74 9.67 -0.39 -32.20
C TYR A 74 8.22 -0.30 -32.66
N ALA A 75 7.37 -1.12 -32.08
CA ALA A 75 5.95 -1.04 -32.41
C ALA A 75 5.11 -1.15 -31.13
N LEU A 76 4.08 -0.34 -31.06
CA LEU A 76 3.09 -0.44 -29.99
C LEU A 76 1.93 -1.32 -30.43
N GLY A 77 1.69 -2.40 -29.68
CA GLY A 77 0.55 -3.26 -29.94
C GLY A 77 -0.72 -2.61 -29.44
N GLU A 78 -1.83 -3.33 -29.53
CA GLU A 78 -3.13 -2.80 -29.15
C GLU A 78 -3.24 -2.79 -27.62
N ARG A 79 -4.05 -1.90 -27.09
CA ARG A 79 -4.17 -1.79 -25.66
C ARG A 79 -4.89 -3.00 -25.18
N GLN A 80 -4.43 -3.58 -24.08
CA GLN A 80 -5.14 -4.69 -23.41
C GLN A 80 -5.63 -4.18 -22.05
N SER A 81 -6.53 -3.21 -22.11
CA SER A 81 -7.23 -2.70 -20.95
C SER A 81 -6.26 -2.10 -19.95
N TYR A 82 -6.38 -2.53 -18.70
CA TYR A 82 -5.57 -2.04 -17.58
C TYR A 82 -4.08 -2.47 -17.65
N LYS A 83 -3.76 -3.43 -18.53
CA LYS A 83 -2.41 -3.86 -18.74
C LYS A 83 -1.68 -2.87 -19.65
N GLY A 84 -2.43 -2.08 -20.43
CA GLY A 84 -1.80 -1.10 -21.33
C GLY A 84 -1.37 -1.76 -22.62
N SER A 85 -0.37 -1.16 -23.28
CA SER A 85 0.04 -1.58 -24.62
C SER A 85 1.47 -2.12 -24.64
N PRO A 86 1.66 -3.32 -25.24
CA PRO A 86 3.04 -3.83 -25.29
C PRO A 86 3.90 -3.10 -26.33
N MET A 87 5.15 -2.81 -25.98
CA MET A 87 6.09 -2.15 -26.85
C MET A 87 7.24 -3.09 -27.31
N GLU A 88 7.17 -3.53 -28.56
CA GLU A 88 8.20 -4.41 -29.09
C GLU A 88 9.37 -3.59 -29.67
N ILE A 89 10.60 -3.83 -29.20
CA ILE A 89 11.74 -3.12 -29.74
C ILE A 89 12.58 -4.06 -30.59
N SER A 90 12.96 -3.57 -31.77
CA SER A 90 13.82 -4.33 -32.70
C SER A 90 15.29 -4.00 -32.46
N LEU A 91 16.02 -4.98 -31.90
CA LEU A 91 17.44 -4.80 -31.58
C LEU A 91 18.30 -4.73 -32.87
N PRO A 92 19.26 -3.80 -32.95
CA PRO A 92 20.06 -3.66 -34.18
C PRO A 92 21.05 -4.82 -34.44
N ILE A 93 21.46 -5.50 -33.37
CA ILE A 93 22.40 -6.63 -33.44
C ILE A 93 21.91 -7.67 -32.44
N ALA A 94 21.80 -8.92 -32.89
CA ALA A 94 21.41 -10.01 -32.04
C ALA A 94 22.37 -10.14 -30.86
N LEU A 95 21.83 -10.50 -29.70
CA LEU A 95 22.59 -10.60 -28.48
C LEU A 95 22.82 -12.05 -28.11
N SER A 96 23.99 -12.30 -27.52
CA SER A 96 24.30 -13.57 -26.85
C SER A 96 23.79 -13.61 -25.42
N LYS A 97 23.65 -14.81 -24.87
CA LYS A 97 23.28 -14.97 -23.49
C LYS A 97 24.23 -14.20 -22.59
N ASN A 98 23.64 -13.41 -21.68
CA ASN A 98 24.39 -12.58 -20.70
C ASN A 98 25.00 -11.31 -21.32
N GLN A 99 24.75 -11.04 -22.60
CA GLN A 99 25.24 -9.78 -23.14
C GLN A 99 24.32 -8.68 -22.68
N GLU A 100 24.88 -7.51 -22.40
CA GLU A 100 24.10 -6.36 -21.95
C GLU A 100 24.12 -5.20 -22.95
N ILE A 101 22.98 -4.56 -23.16
CA ILE A 101 22.98 -3.31 -23.91
C ILE A 101 22.20 -2.23 -23.16
N VAL A 102 22.44 -0.96 -23.51
CA VAL A 102 21.65 0.12 -23.00
C VAL A 102 20.65 0.55 -24.08
N ILE A 103 19.37 0.61 -23.71
CA ILE A 103 18.29 1.07 -24.61
C ILE A 103 17.68 2.36 -24.06
N GLU A 104 17.79 3.45 -24.82
CA GLU A 104 17.32 4.76 -24.41
C GLU A 104 15.98 5.16 -25.05
N ILE A 105 14.92 5.20 -24.24
CA ILE A 105 13.59 5.52 -24.77
C ILE A 105 13.16 6.93 -24.38
N SER A 106 12.86 7.75 -25.38
CA SER A 106 12.36 9.10 -25.20
C SER A 106 10.81 9.02 -25.20
N PHE A 107 10.20 9.54 -24.14
CA PHE A 107 8.77 9.27 -23.89
C PHE A 107 8.18 10.43 -23.11
N GLU A 108 6.86 10.47 -23.09
CA GLU A 108 6.13 11.45 -22.31
C GLU A 108 4.92 10.73 -21.74
N THR A 109 4.60 11.00 -20.46
CA THR A 109 3.37 10.45 -19.85
C THR A 109 2.14 11.23 -20.30
N SER A 110 0.97 10.57 -20.24
CA SER A 110 -0.34 11.26 -20.30
C SER A 110 -0.75 11.94 -18.96
N PRO A 111 -1.53 13.03 -19.06
CA PRO A 111 -2.16 13.62 -17.86
C PRO A 111 -3.01 12.60 -17.12
N LYS A 112 -3.41 11.55 -17.82
CA LYS A 112 -4.31 10.54 -17.24
C LYS A 112 -3.58 9.33 -16.65
N SER A 113 -2.25 9.33 -16.72
CA SER A 113 -1.43 8.30 -16.06
C SER A 113 -2.05 7.77 -14.75
N SER A 114 -2.25 6.45 -14.69
CA SER A 114 -2.87 5.86 -13.54
C SER A 114 -1.90 5.76 -12.35
N ALA A 115 -0.61 5.98 -12.64
CA ALA A 115 0.43 6.04 -11.59
C ALA A 115 0.49 7.41 -10.86
N LEU A 116 -0.16 8.44 -11.40
CA LEU A 116 0.16 9.82 -10.97
C LEU A 116 -1.08 10.58 -10.52
N GLN A 117 -0.91 11.44 -9.51
CA GLN A 117 -1.96 12.36 -9.21
C GLN A 117 -1.33 13.74 -9.25
N TRP A 118 -1.95 14.64 -10.04
CA TRP A 118 -1.50 16.02 -10.14
C TRP A 118 -2.45 16.92 -9.36
N LEU A 119 -1.93 17.76 -8.48
CA LEU A 119 -2.80 18.55 -7.66
C LEU A 119 -2.56 20.01 -7.98
N THR A 120 -3.66 20.77 -8.12
CA THR A 120 -3.59 22.22 -8.25
C THR A 120 -3.10 22.82 -6.93
N PRO A 121 -2.73 24.11 -6.93
CA PRO A 121 -2.33 24.72 -5.67
C PRO A 121 -3.43 24.70 -4.60
N GLU A 122 -4.67 24.95 -4.99
CA GLU A 122 -5.73 24.92 -3.99
C GLU A 122 -6.00 23.52 -3.42
N GLN A 123 -5.45 22.47 -4.02
CA GLN A 123 -5.59 21.10 -3.49
C GLN A 123 -4.55 20.78 -2.46
N THR A 124 -3.59 21.68 -2.28
CA THR A 124 -2.52 21.52 -1.29
C THR A 124 -2.74 22.30 0.03
N SER A 125 -1.80 22.19 0.96
CA SER A 125 -1.82 22.93 2.22
C SER A 125 -1.49 24.42 2.08
N GLY A 126 -0.44 24.73 1.31
CA GLY A 126 0.07 26.10 1.19
C GLY A 126 -0.72 26.96 0.22
N LYS A 127 -1.39 26.34 -0.74
CA LYS A 127 -2.25 27.04 -1.69
C LYS A 127 -1.49 27.89 -2.70
N GLU A 128 -0.16 27.73 -2.73
CA GLU A 128 0.70 28.59 -3.55
C GLU A 128 1.34 27.80 -4.70
N HIS A 129 1.42 26.49 -4.54
CA HIS A 129 2.16 25.66 -5.47
C HIS A 129 1.42 24.35 -5.72
N PRO A 130 1.55 23.79 -6.93
CA PRO A 130 1.04 22.47 -7.29
C PRO A 130 1.91 21.37 -6.66
N TYR A 131 1.51 20.11 -6.89
CA TYR A 131 2.14 18.95 -6.25
C TYR A 131 1.92 17.74 -7.13
N LEU A 132 2.93 16.91 -7.24
CA LEU A 132 2.82 15.65 -7.98
C LEU A 132 3.24 14.52 -7.06
N PHE A 133 2.50 13.40 -7.09
CA PHE A 133 2.97 12.19 -6.43
C PHE A 133 2.65 10.96 -7.26
N SER A 134 3.55 9.96 -7.17
CA SER A 134 3.34 8.65 -7.82
C SER A 134 2.89 7.53 -6.88
N GLN A 135 2.30 6.51 -7.48
CA GLN A 135 1.94 5.30 -6.77
C GLN A 135 1.98 4.13 -7.77
N CYS A 136 3.14 3.45 -7.86
CA CYS A 136 3.29 2.40 -8.91
C CYS A 136 2.72 1.03 -8.57
N GLN A 137 2.60 0.71 -7.30
CA GLN A 137 2.14 -0.62 -6.93
C GLN A 137 0.69 -0.68 -7.34
N ALA A 138 0.27 -1.77 -8.01
CA ALA A 138 1.11 -2.91 -8.37
C ALA A 138 1.74 -2.72 -9.78
N ILE A 139 0.90 -2.36 -10.75
CA ILE A 139 1.31 -2.35 -12.13
C ILE A 139 1.06 -0.98 -12.80
N HIS A 140 1.48 0.07 -12.10
CA HIS A 140 1.38 1.39 -12.67
C HIS A 140 2.71 1.98 -13.05
N CYS A 141 3.81 1.29 -12.75
CA CYS A 141 5.07 1.80 -13.24
C CYS A 141 5.07 1.99 -14.77
N ARG A 142 4.40 1.11 -15.51
CA ARG A 142 4.33 1.21 -16.99
C ARG A 142 3.66 2.50 -17.49
N ALA A 143 2.85 3.10 -16.62
CA ALA A 143 2.13 4.35 -16.88
C ALA A 143 3.03 5.52 -16.64
N ILE A 144 4.23 5.28 -16.14
CA ILE A 144 5.20 6.36 -16.08
C ILE A 144 6.33 6.21 -17.11
N LEU A 145 6.83 4.99 -17.29
CA LEU A 145 7.97 4.80 -18.17
C LEU A 145 7.92 3.40 -18.73
N PRO A 146 8.55 3.18 -19.90
CA PRO A 146 8.56 1.83 -20.45
C PRO A 146 9.49 0.94 -19.62
N CYS A 147 8.98 -0.21 -19.19
CA CYS A 147 9.73 -1.11 -18.35
C CYS A 147 9.17 -2.52 -18.43
N GLN A 148 9.92 -3.50 -17.93
CA GLN A 148 9.37 -4.82 -17.69
C GLN A 148 8.66 -4.74 -16.35
N ASP A 149 7.33 -4.55 -16.40
CA ASP A 149 6.56 -4.12 -15.23
C ASP A 149 6.12 -5.29 -14.39
N THR A 150 7.11 -5.94 -13.77
CA THR A 150 6.91 -7.23 -13.07
C THR A 150 7.85 -7.27 -11.91
N PRO A 151 7.34 -7.70 -10.73
CA PRO A 151 8.20 -7.79 -9.53
C PRO A 151 9.21 -8.95 -9.59
N SER A 152 9.22 -9.67 -10.72
CA SER A 152 10.13 -10.80 -10.97
C SER A 152 11.48 -10.33 -11.50
N VAL A 153 11.60 -9.02 -11.72
CA VAL A 153 12.78 -8.39 -12.23
C VAL A 153 13.14 -7.30 -11.22
N LYS A 154 14.39 -7.31 -10.79
CA LYS A 154 14.95 -6.29 -9.90
C LYS A 154 16.12 -5.55 -10.54
N LEU A 155 16.12 -4.23 -10.37
CA LEU A 155 17.12 -3.37 -11.00
C LEU A 155 17.55 -2.31 -10.03
N THR A 156 18.72 -1.73 -10.25
CA THR A 156 19.11 -0.51 -9.55
C THR A 156 18.67 0.68 -10.43
N TYR A 157 18.75 1.89 -9.86
CA TYR A 157 18.43 3.02 -10.66
C TYR A 157 19.05 4.28 -10.20
N THR A 158 19.14 5.22 -11.15
CA THR A 158 19.60 6.56 -10.90
C THR A 158 18.61 7.44 -11.67
N ALA A 159 18.44 8.67 -11.22
CA ALA A 159 17.49 9.57 -11.83
C ALA A 159 17.96 11.01 -11.64
N GLU A 160 17.56 11.85 -12.59
CA GLU A 160 17.79 13.28 -12.60
C GLU A 160 16.47 13.86 -12.99
N VAL A 161 15.91 14.67 -12.09
CA VAL A 161 14.55 15.14 -12.26
C VAL A 161 14.51 16.68 -12.27
N SER A 162 14.11 17.26 -13.39
CA SER A 162 14.00 18.71 -13.43
C SER A 162 12.59 19.18 -13.07
N VAL A 163 12.54 20.19 -12.21
CA VAL A 163 11.30 20.67 -11.62
C VAL A 163 11.45 22.20 -11.41
N PRO A 164 10.31 22.92 -11.35
CA PRO A 164 10.38 24.35 -11.02
C PRO A 164 11.28 24.60 -9.81
N LYS A 165 12.24 25.52 -9.92
CA LYS A 165 13.20 25.73 -8.87
C LYS A 165 12.65 25.96 -7.48
N GLU A 166 11.39 26.37 -7.36
CA GLU A 166 10.84 26.65 -6.04
C GLU A 166 10.22 25.41 -5.37
N LEU A 167 10.20 24.31 -6.12
CA LEU A 167 9.74 23.02 -5.65
C LEU A 167 10.90 22.04 -5.34
N VAL A 168 10.55 20.97 -4.64
CA VAL A 168 11.50 19.94 -4.23
C VAL A 168 11.02 18.61 -4.82
N ALA A 169 11.94 17.90 -5.45
CA ALA A 169 11.70 16.54 -5.88
C ALA A 169 12.34 15.58 -4.85
N LEU A 170 11.63 14.50 -4.54
CA LEU A 170 12.17 13.38 -3.78
C LEU A 170 11.81 12.06 -4.48
N MET A 171 12.64 11.05 -4.32
CA MET A 171 12.41 9.68 -4.86
C MET A 171 12.73 8.56 -3.84
N SER A 172 12.52 7.30 -4.22
CA SER A 172 12.84 6.15 -3.35
C SER A 172 14.29 5.72 -3.50
N ALA A 173 15.17 6.54 -2.94
CA ALA A 173 16.58 6.53 -3.35
C ALA A 173 17.29 7.49 -2.46
N ILE A 174 18.62 7.36 -2.38
CA ILE A 174 19.41 8.32 -1.67
C ILE A 174 19.52 9.61 -2.51
N ARG A 175 19.37 10.77 -1.85
CA ARG A 175 19.44 12.05 -2.50
C ARG A 175 20.88 12.24 -2.91
N ASP A 176 21.10 12.52 -4.17
CA ASP A 176 22.45 12.55 -4.65
C ASP A 176 22.85 13.92 -5.20
N GLY A 177 22.23 14.99 -4.71
CA GLY A 177 22.59 16.35 -5.10
C GLY A 177 21.51 17.16 -5.84
N GLU A 178 21.73 18.48 -5.94
CA GLU A 178 20.83 19.38 -6.70
C GLU A 178 21.63 20.53 -7.33
N THR A 179 21.26 20.93 -8.55
CA THR A 179 21.84 22.11 -9.23
C THR A 179 20.76 22.79 -10.06
N PRO A 180 20.98 24.08 -10.40
CA PRO A 180 20.13 24.69 -11.44
C PRO A 180 20.12 23.82 -12.69
N ASP A 181 19.03 23.87 -13.45
CA ASP A 181 18.94 23.25 -14.75
C ASP A 181 19.63 24.19 -15.80
N PRO A 182 20.67 23.68 -16.51
CA PRO A 182 21.36 24.39 -17.60
C PRO A 182 20.44 24.75 -18.74
N GLU A 183 19.51 23.87 -19.08
CA GLU A 183 18.52 24.12 -20.14
C GLU A 183 17.36 25.04 -19.71
N ASP A 184 17.35 25.52 -18.46
CA ASP A 184 16.24 26.39 -17.99
C ASP A 184 16.40 26.85 -16.55
N PRO A 185 16.91 28.08 -16.36
CA PRO A 185 17.14 28.74 -15.06
C PRO A 185 15.90 28.89 -14.16
N SER A 186 14.70 28.69 -14.69
CA SER A 186 13.52 28.62 -13.83
C SER A 186 13.38 27.25 -13.10
N ARG A 187 14.33 26.34 -13.35
CA ARG A 187 14.26 24.95 -12.90
C ARG A 187 15.48 24.48 -12.07
N LYS A 188 15.27 23.41 -11.31
CA LYS A 188 16.34 22.67 -10.60
C LYS A 188 16.32 21.22 -11.03
N ILE A 189 17.50 20.60 -11.06
CA ILE A 189 17.63 19.17 -11.26
C ILE A 189 18.04 18.53 -9.94
N TYR A 190 17.21 17.62 -9.44
CA TYR A 190 17.55 16.83 -8.29
C TYR A 190 18.02 15.49 -8.76
N LYS A 191 19.07 14.97 -8.14
CA LYS A 191 19.67 13.71 -8.52
C LYS A 191 19.45 12.63 -7.45
N PHE A 192 19.39 11.37 -7.91
CA PHE A 192 19.00 10.24 -7.06
C PHE A 192 19.73 8.95 -7.40
N ILE A 193 20.14 8.23 -6.36
CA ILE A 193 20.66 6.89 -6.57
C ILE A 193 20.04 5.80 -5.66
N GLN A 194 19.57 4.72 -6.28
CA GLN A 194 19.16 3.52 -5.59
C GLN A 194 20.18 2.39 -5.98
N LYS A 195 21.04 2.02 -5.02
CA LYS A 195 22.16 1.06 -5.21
C LYS A 195 21.69 -0.35 -4.89
N VAL A 196 20.50 -0.45 -4.31
CA VAL A 196 19.93 -1.76 -3.98
C VAL A 196 18.92 -2.18 -5.06
N PRO A 197 19.10 -3.40 -5.65
CA PRO A 197 18.17 -3.83 -6.69
C PRO A 197 16.76 -3.99 -6.11
N ILE A 198 15.77 -3.50 -6.83
CA ILE A 198 14.41 -3.39 -6.34
C ILE A 198 13.50 -3.73 -7.50
N PRO A 199 12.33 -4.30 -7.20
CA PRO A 199 11.33 -4.36 -8.28
C PRO A 199 10.86 -2.94 -8.70
N CYS A 200 10.42 -2.75 -9.94
CA CYS A 200 10.04 -1.43 -10.41
C CYS A 200 8.82 -0.79 -9.74
N TYR A 201 8.00 -1.58 -9.03
CA TYR A 201 6.82 -1.02 -8.37
C TYR A 201 7.28 -0.19 -7.18
N LEU A 202 8.54 -0.35 -6.77
CA LEU A 202 9.13 0.42 -5.69
C LEU A 202 9.68 1.80 -6.14
N ILE A 203 9.66 2.07 -7.46
CA ILE A 203 10.04 3.37 -7.99
C ILE A 203 9.00 4.44 -7.61
N ALA A 204 9.45 5.54 -6.99
CA ALA A 204 8.58 6.59 -6.41
C ALA A 204 9.13 8.01 -6.62
N LEU A 205 8.25 8.97 -6.92
CA LEU A 205 8.58 10.37 -7.13
C LEU A 205 7.49 11.25 -6.47
N VAL A 206 7.93 12.30 -5.79
CA VAL A 206 7.01 13.34 -5.33
C VAL A 206 7.71 14.66 -5.70
N VAL A 207 6.90 15.64 -6.13
CA VAL A 207 7.38 17.01 -6.35
C VAL A 207 6.37 18.00 -5.74
N GLY A 208 6.84 18.84 -4.82
CA GLY A 208 5.99 19.77 -4.10
C GLY A 208 6.81 20.72 -3.29
N ALA A 209 6.11 21.62 -2.62
CA ALA A 209 6.67 22.57 -1.71
C ALA A 209 6.97 21.90 -0.38
N LEU A 210 8.07 21.13 -0.36
CA LEU A 210 8.41 20.25 0.81
C LEU A 210 9.46 20.80 1.71
N GLU A 211 9.23 20.64 3.01
CA GLU A 211 10.20 20.86 4.09
C GLU A 211 10.44 19.57 4.84
N SER A 212 11.46 19.57 5.70
CA SER A 212 11.87 18.37 6.45
C SER A 212 12.34 18.73 7.84
N ARG A 213 12.06 17.81 8.76
CA ARG A 213 12.57 17.86 10.09
C ARG A 213 13.12 16.48 10.46
N GLN A 214 14.27 16.47 11.14
CA GLN A 214 14.86 15.22 11.57
C GLN A 214 14.19 14.66 12.83
N ILE A 215 13.88 13.38 12.84
CA ILE A 215 13.21 12.76 13.99
C ILE A 215 13.98 11.59 14.59
N GLY A 216 15.11 11.19 13.98
CA GLY A 216 15.89 10.08 14.50
C GLY A 216 17.22 10.11 13.80
N PRO A 217 18.18 9.23 14.16
CA PRO A 217 19.52 9.29 13.54
C PRO A 217 19.55 9.00 12.04
N ARG A 218 18.49 8.39 11.52
CA ARG A 218 18.46 8.06 10.09
C ARG A 218 17.10 8.34 9.46
N THR A 219 16.37 9.28 10.06
CA THR A 219 15.03 9.58 9.61
C THR A 219 14.76 11.07 9.60
N LEU A 220 14.41 11.59 8.42
CA LEU A 220 13.72 12.85 8.33
C LEU A 220 12.25 12.61 7.99
N VAL A 221 11.33 13.40 8.56
CA VAL A 221 9.97 13.51 8.03
C VAL A 221 9.91 14.66 7.02
N TRP A 222 9.24 14.43 5.89
CA TRP A 222 8.95 15.45 4.88
C TRP A 222 7.44 15.68 4.76
N SER A 223 7.06 16.96 4.61
CA SER A 223 5.70 17.34 4.20
C SER A 223 5.62 18.83 3.87
N GLU A 224 4.46 19.30 3.44
CA GLU A 224 4.29 20.74 3.37
C GLU A 224 4.51 21.27 4.77
N LYS A 225 5.10 22.46 4.82
CA LYS A 225 5.33 23.25 6.01
C LYS A 225 4.27 23.09 7.12
N GLU A 226 2.99 23.20 6.79
CA GLU A 226 1.99 23.19 7.84
C GLU A 226 1.71 21.81 8.51
N GLN A 227 2.28 20.73 7.93
CA GLN A 227 2.19 19.41 8.54
C GLN A 227 3.42 18.94 9.34
N VAL A 228 4.54 19.62 9.16
CA VAL A 228 5.82 19.16 9.69
C VAL A 228 5.85 18.89 11.20
N GLU A 229 5.30 19.81 11.98
CA GLU A 229 5.48 19.74 13.41
C GLU A 229 4.68 18.55 13.96
N LYS A 230 3.42 18.49 13.53
CA LYS A 230 2.56 17.40 13.85
C LYS A 230 3.10 16.06 13.44
N SER A 231 3.69 15.97 12.25
CA SER A 231 4.22 14.72 11.74
C SER A 231 5.43 14.31 12.53
N ALA A 232 6.24 15.30 12.93
CA ALA A 232 7.42 14.99 13.69
C ALA A 232 7.05 14.30 14.99
N TYR A 233 6.02 14.82 15.64
CA TYR A 233 5.54 14.22 16.89
C TYR A 233 4.87 12.87 16.64
N GLU A 234 3.98 12.79 15.66
CA GLU A 234 3.21 11.53 15.45
C GLU A 234 4.08 10.30 15.25
N PHE A 235 5.20 10.50 14.57
CA PHE A 235 6.09 9.38 14.17
C PHE A 235 7.41 9.30 14.97
N SER A 236 7.44 9.92 16.13
CA SER A 236 8.65 9.93 16.95
C SER A 236 9.16 8.55 17.32
N GLU A 237 8.30 7.54 17.29
CA GLU A 237 8.69 6.16 17.61
C GLU A 237 9.43 5.43 16.48
N THR A 238 9.65 6.10 15.36
CA THR A 238 10.21 5.46 14.15
C THR A 238 11.57 4.78 14.32
N GLU A 239 12.57 5.51 14.85
CA GLU A 239 13.88 4.88 15.12
C GLU A 239 13.82 3.64 16.02
N SER A 240 12.95 3.63 17.02
CA SER A 240 12.95 2.58 17.99
C SER A 240 12.19 1.39 17.39
N MET A 241 11.18 1.66 16.60
CA MET A 241 10.62 0.63 15.72
C MET A 241 11.65 0.04 14.76
N LEU A 242 12.47 0.87 14.16
CA LEU A 242 13.54 0.40 13.26
C LEU A 242 14.53 -0.56 13.90
N LYS A 243 15.02 -0.20 15.10
CA LYS A 243 15.92 -1.08 15.84
C LYS A 243 15.32 -2.46 16.10
N ILE A 244 14.02 -2.50 16.47
CA ILE A 244 13.35 -3.77 16.74
C ILE A 244 13.15 -4.53 15.45
N ALA A 245 12.81 -3.85 14.36
CA ALA A 245 12.72 -4.53 13.07
C ALA A 245 14.07 -5.12 12.65
N GLU A 246 15.16 -4.39 12.96
CA GLU A 246 16.52 -4.86 12.63
C GLU A 246 16.89 -6.07 13.46
N ASP A 247 16.44 -6.10 14.71
CA ASP A 247 16.66 -7.26 15.57
C ASP A 247 15.89 -8.48 15.05
N LEU A 248 14.73 -8.26 14.45
CA LEU A 248 13.91 -9.39 14.00
C LEU A 248 14.27 -9.82 12.58
N GLY A 249 14.64 -8.90 11.72
CA GLY A 249 14.79 -9.28 10.34
C GLY A 249 16.22 -9.30 9.85
N GLY A 250 17.14 -8.75 10.65
CA GLY A 250 18.54 -8.54 10.23
C GLY A 250 18.76 -7.11 9.81
N PRO A 251 19.94 -6.81 9.29
CA PRO A 251 20.31 -5.39 9.07
C PRO A 251 19.43 -4.60 8.09
N TYR A 252 19.24 -3.34 8.41
CA TYR A 252 18.58 -2.41 7.51
C TYR A 252 19.63 -2.04 6.43
N VAL A 253 19.38 -2.46 5.19
CA VAL A 253 20.38 -2.33 4.11
C VAL A 253 20.18 -1.06 3.27
N TRP A 254 19.16 -0.26 3.57
CA TRP A 254 18.79 0.84 2.66
C TRP A 254 19.35 2.22 3.03
N GLY A 255 20.20 2.30 4.06
CA GLY A 255 20.74 3.60 4.50
C GLY A 255 19.77 4.45 5.32
N GLN A 256 19.08 5.33 4.63
CA GLN A 256 18.06 6.22 5.18
C GLN A 256 16.69 5.51 5.38
N TYR A 257 16.00 5.84 6.48
CA TYR A 257 14.57 5.61 6.55
C TYR A 257 13.78 6.93 6.77
N ASP A 258 13.44 7.59 5.68
CA ASP A 258 12.65 8.80 5.72
C ASP A 258 11.15 8.52 5.60
N LEU A 259 10.37 9.53 5.98
CA LEU A 259 8.92 9.47 5.90
C LEU A 259 8.40 10.65 5.10
N LEU A 260 7.44 10.40 4.22
CA LEU A 260 6.82 11.47 3.49
C LEU A 260 5.38 11.45 3.84
N VAL A 261 4.87 12.58 4.33
CA VAL A 261 3.45 12.67 4.63
C VAL A 261 2.76 13.44 3.48
N LEU A 262 1.87 12.73 2.81
CA LEU A 262 1.26 13.19 1.58
C LEU A 262 0.01 13.99 1.81
N PRO A 263 -0.48 14.65 0.74
CA PRO A 263 -1.79 15.30 0.82
C PRO A 263 -2.85 14.23 1.03
N PRO A 264 -4.08 14.63 1.43
CA PRO A 264 -5.05 13.67 1.97
C PRO A 264 -5.61 12.68 0.94
N SER A 265 -5.40 12.91 -0.36
CA SER A 265 -5.92 11.93 -1.38
C SER A 265 -5.00 10.74 -1.64
N PHE A 266 -3.93 10.63 -0.87
CA PHE A 266 -3.07 9.47 -1.05
C PHE A 266 -3.92 8.22 -0.75
N PRO A 267 -3.93 7.23 -1.68
CA PRO A 267 -4.93 6.16 -1.68
C PRO A 267 -4.76 5.10 -0.63
N TYR A 268 -3.58 5.07 -0.04
CA TYR A 268 -3.23 4.03 0.95
C TYR A 268 -2.78 4.61 2.28
N GLY A 269 -2.85 3.81 3.32
CA GLY A 269 -2.28 4.22 4.59
C GLY A 269 -0.78 4.45 4.50
N GLY A 270 -0.11 3.61 3.70
CA GLY A 270 1.33 3.70 3.48
C GLY A 270 1.81 2.95 2.23
N MET A 271 2.95 3.36 1.70
CA MET A 271 3.63 2.65 0.62
C MET A 271 5.14 2.58 0.96
N GLU A 272 5.64 1.35 0.98
CA GLU A 272 6.96 1.01 1.51
C GLU A 272 8.09 1.37 0.56
N ASN A 273 8.01 2.55 -0.08
CA ASN A 273 9.04 2.97 -1.04
C ASN A 273 10.36 3.05 -0.35
N PRO A 274 11.40 2.45 -0.97
CA PRO A 274 12.67 2.29 -0.25
C PRO A 274 13.32 3.63 -0.01
N CYS A 275 13.89 3.81 1.20
CA CYS A 275 14.44 5.08 1.65
C CYS A 275 13.43 6.15 1.99
N LEU A 276 12.19 5.99 1.55
CA LEU A 276 11.22 7.09 1.69
C LEU A 276 9.78 6.53 1.66
N THR A 277 9.31 6.07 2.81
CA THR A 277 7.95 5.56 3.00
C THR A 277 6.97 6.69 2.84
N PHE A 278 5.94 6.44 2.03
CA PHE A 278 4.83 7.40 1.88
C PHE A 278 3.72 7.02 2.86
N VAL A 279 3.21 8.00 3.61
CA VAL A 279 2.11 7.77 4.54
C VAL A 279 0.95 8.71 4.28
N THR A 280 -0.25 8.24 4.63
CA THR A 280 -1.44 9.10 4.64
C THR A 280 -1.43 10.09 5.81
N PRO A 281 -1.97 11.31 5.58
CA PRO A 281 -2.06 12.25 6.70
C PRO A 281 -3.21 11.92 7.64
N THR A 282 -4.02 10.91 7.34
CA THR A 282 -5.05 10.47 8.27
C THR A 282 -4.43 9.75 9.46
N LEU A 283 -3.09 9.52 9.44
CA LEU A 283 -2.37 8.90 10.56
C LEU A 283 -2.18 9.90 11.70
N LEU A 284 -2.34 11.18 11.38
CA LEU A 284 -1.97 12.26 12.30
C LEU A 284 -3.06 12.46 13.32
N ALA A 285 -3.14 11.52 14.26
CA ALA A 285 -4.22 11.46 15.27
C ALA A 285 -3.95 12.38 16.47
N GLY A 286 -2.69 12.76 16.67
CA GLY A 286 -2.24 13.63 17.78
C GLY A 286 -1.63 12.85 18.93
N ASP A 287 -1.68 11.53 18.87
CA ASP A 287 -1.32 10.72 20.00
C ASP A 287 -0.48 9.48 19.68
N LYS A 288 -0.02 9.36 18.44
CA LYS A 288 0.79 8.23 17.97
C LYS A 288 0.03 6.89 17.91
N SER A 289 -1.30 6.95 18.11
CA SER A 289 -2.11 5.71 18.22
C SER A 289 -2.20 4.87 16.96
N LEU A 290 -1.83 5.44 15.81
CA LEU A 290 -1.97 4.78 14.52
C LEU A 290 -0.63 4.37 13.94
N SER A 291 0.37 4.27 14.82
CA SER A 291 1.74 4.00 14.46
C SER A 291 2.04 2.56 14.02
N ASN A 292 1.11 1.61 14.20
CA ASN A 292 1.25 0.28 13.57
C ASN A 292 1.56 0.38 12.05
N VAL A 293 1.09 1.45 11.43
CA VAL A 293 1.26 1.65 9.99
C VAL A 293 2.71 1.98 9.62
N ILE A 294 3.38 2.77 10.47
CA ILE A 294 4.83 2.91 10.37
C ILE A 294 5.53 1.56 10.54
N ALA A 295 5.24 0.83 11.61
CA ALA A 295 5.79 -0.53 11.81
C ALA A 295 5.53 -1.40 10.57
N HIS A 296 4.32 -1.33 10.05
CA HIS A 296 4.03 -2.04 8.82
C HIS A 296 5.01 -1.64 7.70
N GLU A 297 5.07 -0.34 7.40
CA GLU A 297 5.95 0.14 6.34
C GLU A 297 7.43 -0.15 6.57
N ILE A 298 7.88 -0.02 7.81
CA ILE A 298 9.24 -0.37 8.22
C ILE A 298 9.48 -1.81 7.93
N SER A 299 8.59 -2.69 8.38
CA SER A 299 8.75 -4.15 8.18
C SER A 299 8.95 -4.55 6.69
N HIS A 300 8.26 -3.87 5.78
CA HIS A 300 8.45 -4.11 4.34
C HIS A 300 9.89 -3.97 3.86
N SER A 301 10.73 -3.31 4.63
CA SER A 301 12.16 -3.15 4.27
C SER A 301 12.88 -4.49 4.24
N TRP A 302 12.23 -5.50 4.83
CA TRP A 302 12.66 -6.88 4.67
C TRP A 302 11.70 -7.67 3.81
N THR A 303 10.43 -7.69 4.20
CA THR A 303 9.41 -8.53 3.59
C THR A 303 8.62 -7.75 2.54
N GLY A 304 8.98 -7.99 1.27
CA GLY A 304 8.53 -7.19 0.15
C GLY A 304 9.67 -6.54 -0.61
N ASN A 305 10.45 -5.70 0.06
CA ASN A 305 11.58 -5.01 -0.58
C ASN A 305 12.89 -5.80 -0.72
N LEU A 306 13.16 -6.66 0.26
CA LEU A 306 14.29 -7.61 0.17
C LEU A 306 13.83 -8.93 -0.46
N VAL A 307 12.81 -9.56 0.13
CA VAL A 307 12.24 -10.74 -0.50
C VAL A 307 10.94 -10.32 -1.08
N THR A 308 10.77 -10.58 -2.38
CA THR A 308 9.68 -9.96 -3.13
C THR A 308 8.86 -11.03 -3.77
N ASN A 309 7.54 -10.84 -3.77
CA ASN A 309 6.66 -11.70 -4.54
C ASN A 309 7.04 -11.66 -6.02
N LYS A 310 7.06 -12.83 -6.68
CA LYS A 310 7.53 -12.98 -8.06
C LYS A 310 6.49 -12.50 -9.03
N THR A 311 5.23 -12.69 -8.63
CA THR A 311 4.10 -12.16 -9.39
C THR A 311 3.08 -11.71 -8.36
N TRP A 312 2.08 -10.97 -8.79
CA TRP A 312 1.06 -10.49 -7.88
C TRP A 312 0.09 -11.56 -7.38
N ASP A 313 0.12 -12.75 -7.98
CA ASP A 313 -0.62 -13.88 -7.45
C ASP A 313 -0.12 -14.25 -6.05
N HIS A 314 1.06 -13.78 -5.66
CA HIS A 314 1.73 -14.21 -4.39
C HIS A 314 1.91 -13.09 -3.45
N PHE A 315 1.23 -11.98 -3.74
CA PHE A 315 1.11 -10.80 -2.88
C PHE A 315 0.99 -11.11 -1.39
N TRP A 316 0.29 -12.19 -0.98
CA TRP A 316 0.26 -12.54 0.50
C TRP A 316 1.66 -12.73 1.12
N LEU A 317 2.61 -13.22 0.34
CA LEU A 317 4.00 -13.30 0.82
C LEU A 317 4.47 -11.95 1.32
N ASN A 318 4.25 -10.91 0.50
CA ASN A 318 4.61 -9.54 0.90
C ASN A 318 3.86 -9.14 2.13
N GLU A 319 2.53 -9.26 2.07
CA GLU A 319 1.63 -8.65 3.06
C GLU A 319 1.51 -9.42 4.36
N GLY A 320 1.22 -10.70 4.28
CA GLY A 320 1.11 -11.49 5.50
C GLY A 320 2.39 -11.49 6.32
N HIS A 321 3.54 -11.60 5.65
CA HIS A 321 4.82 -11.57 6.42
C HIS A 321 5.07 -10.22 7.06
N THR A 322 4.56 -9.17 6.43
CA THR A 322 4.82 -7.83 6.91
C THR A 322 3.91 -7.53 8.10
N VAL A 323 2.63 -7.95 7.99
CA VAL A 323 1.71 -7.89 9.12
C VAL A 323 2.20 -8.70 10.36
N TYR A 324 2.78 -9.86 10.09
CA TYR A 324 3.29 -10.74 11.13
C TYR A 324 4.40 -10.02 11.90
N LEU A 325 5.27 -9.32 11.17
CA LEU A 325 6.41 -8.62 11.71
C LEU A 325 5.99 -7.30 12.39
N GLU A 326 5.06 -6.59 11.73
CA GLU A 326 4.38 -5.43 12.26
C GLU A 326 3.82 -5.68 13.65
N ARG A 327 3.14 -6.81 13.81
CA ARG A 327 2.55 -7.14 15.12
C ARG A 327 3.57 -7.54 16.20
N HIS A 328 4.73 -8.07 15.79
CA HIS A 328 5.84 -8.33 16.71
C HIS A 328 6.51 -7.06 17.25
N ILE A 329 6.70 -6.06 16.37
CA ILE A 329 7.24 -4.76 16.77
C ILE A 329 6.30 -4.13 17.84
N CYS A 330 5.00 -4.11 17.54
CA CYS A 330 4.02 -3.56 18.47
C CYS A 330 3.92 -4.33 19.78
N GLY A 331 3.97 -5.66 19.72
CA GLY A 331 4.16 -6.51 20.90
C GLY A 331 5.43 -6.21 21.72
N ARG A 332 6.55 -5.95 21.07
CA ARG A 332 7.78 -5.58 21.79
C ARG A 332 7.58 -4.27 22.53
N LEU A 333 6.96 -3.31 21.86
CA LEU A 333 6.82 -1.99 22.37
C LEU A 333 5.80 -1.96 23.48
N PHE A 334 4.70 -2.69 23.29
CA PHE A 334 3.53 -2.54 24.17
C PHE A 334 3.02 -3.83 24.79
N GLY A 335 3.64 -4.96 24.51
CA GLY A 335 3.43 -6.18 25.29
C GLY A 335 2.77 -7.26 24.46
N GLU A 336 3.05 -8.51 24.79
CA GLU A 336 2.49 -9.68 24.08
C GLU A 336 0.94 -9.73 24.01
N LYS A 337 0.28 -9.27 25.04
CA LYS A 337 -1.20 -9.20 25.02
C LYS A 337 -1.78 -8.18 24.00
N PHE A 338 -1.03 -7.13 23.69
CA PHE A 338 -1.38 -6.20 22.63
C PHE A 338 -1.23 -6.84 21.25
N ARG A 339 -0.13 -7.56 21.02
CA ARG A 339 0.04 -8.35 19.80
C ARG A 339 -1.19 -9.26 19.56
N HIS A 340 -1.61 -10.01 20.58
CA HIS A 340 -2.82 -10.86 20.49
C HIS A 340 -4.10 -10.07 20.24
N PHE A 341 -4.17 -8.84 20.76
CA PHE A 341 -5.35 -7.95 20.62
C PHE A 341 -5.48 -7.56 19.14
N ASN A 342 -4.35 -7.19 18.55
CA ASN A 342 -4.33 -6.78 17.15
C ASN A 342 -4.44 -7.94 16.20
N ALA A 343 -3.92 -9.10 16.61
CA ALA A 343 -4.06 -10.32 15.86
C ALA A 343 -5.52 -10.73 15.80
N LEU A 344 -6.21 -10.64 16.95
CA LEU A 344 -7.61 -11.07 16.98
C LEU A 344 -8.48 -10.09 16.17
N GLY A 345 -8.20 -8.79 16.29
CA GLY A 345 -8.85 -7.77 15.48
C GLY A 345 -8.67 -7.94 13.98
N GLY A 346 -7.53 -8.45 13.57
CA GLY A 346 -7.26 -8.75 12.17
C GLY A 346 -8.06 -9.94 11.69
N TRP A 347 -8.22 -10.96 12.53
CA TRP A 347 -9.15 -12.04 12.24
C TRP A 347 -10.56 -11.49 12.02
N GLY A 348 -10.97 -10.51 12.81
CA GLY A 348 -12.28 -9.86 12.61
C GLY A 348 -12.38 -9.10 11.29
N GLU A 349 -11.29 -8.43 10.89
CA GLU A 349 -11.24 -7.75 9.60
C GLU A 349 -11.37 -8.79 8.47
N LEU A 350 -10.78 -9.96 8.67
CA LEU A 350 -10.87 -11.08 7.73
C LEU A 350 -12.31 -11.60 7.60
N GLN A 351 -13.01 -11.75 8.75
CA GLN A 351 -14.46 -12.07 8.78
C GLN A 351 -15.27 -11.07 7.97
N ASN A 352 -15.00 -9.77 8.17
CA ASN A 352 -15.71 -8.75 7.39
C ASN A 352 -15.49 -8.89 5.88
N SER A 353 -14.24 -9.09 5.47
CA SER A 353 -13.89 -9.21 4.05
C SER A 353 -14.48 -10.46 3.38
N VAL A 354 -14.40 -11.59 4.07
CA VAL A 354 -15.02 -12.82 3.59
C VAL A 354 -16.56 -12.68 3.54
N LYS A 355 -17.15 -11.95 4.48
CA LYS A 355 -18.58 -11.71 4.47
C LYS A 355 -19.04 -10.80 3.32
N THR A 356 -18.30 -9.71 3.12
CA THR A 356 -18.52 -8.77 2.00
C THR A 356 -18.39 -9.40 0.59
N PHE A 357 -17.28 -10.14 0.35
CA PHE A 357 -17.06 -10.79 -0.93
C PHE A 357 -18.02 -11.98 -1.07
N GLY A 358 -18.19 -12.73 0.01
CA GLY A 358 -18.94 -13.98 -0.02
C GLY A 358 -17.93 -15.10 0.13
N GLU A 359 -18.27 -16.10 0.92
CA GLU A 359 -17.33 -17.10 1.35
C GLU A 359 -16.77 -18.07 0.27
N THR A 360 -17.26 -17.98 -0.96
CA THR A 360 -16.79 -18.80 -2.05
C THR A 360 -16.14 -17.95 -3.14
N HIS A 361 -16.17 -16.63 -2.96
CA HIS A 361 -15.51 -15.71 -3.87
C HIS A 361 -14.00 -16.00 -4.07
N PRO A 362 -13.54 -16.01 -5.34
CA PRO A 362 -12.14 -16.20 -5.66
C PRO A 362 -11.18 -15.22 -4.97
N PHE A 363 -11.55 -13.94 -4.82
CA PHE A 363 -10.67 -12.97 -4.15
C PHE A 363 -10.45 -13.27 -2.66
N THR A 364 -11.08 -14.34 -2.13
CA THR A 364 -10.89 -14.75 -0.73
C THR A 364 -9.90 -15.89 -0.61
N LYS A 365 -9.38 -16.37 -1.73
CA LYS A 365 -8.30 -17.34 -1.67
C LYS A 365 -6.98 -16.61 -1.32
N LEU A 366 -6.08 -17.27 -0.61
CA LEU A 366 -4.85 -16.63 -0.24
C LEU A 366 -3.99 -16.31 -1.46
N VAL A 367 -3.83 -17.31 -2.33
CA VAL A 367 -3.16 -17.17 -3.62
C VAL A 367 -4.28 -17.03 -4.63
N VAL A 368 -4.24 -15.97 -5.44
CA VAL A 368 -5.26 -15.80 -6.48
C VAL A 368 -4.63 -15.82 -7.86
N ASP A 369 -5.34 -16.33 -8.85
CA ASP A 369 -4.87 -16.23 -10.21
C ASP A 369 -5.33 -14.88 -10.80
N LEU A 370 -4.41 -13.94 -11.01
CA LEU A 370 -4.78 -12.58 -11.45
C LEU A 370 -4.80 -12.37 -12.96
N THR A 371 -4.76 -13.46 -13.71
CA THR A 371 -4.63 -13.43 -15.18
C THR A 371 -5.48 -12.42 -15.95
N ASP A 372 -6.76 -12.34 -15.66
CA ASP A 372 -7.55 -11.32 -16.33
C ASP A 372 -8.22 -10.39 -15.31
N ILE A 373 -7.58 -10.20 -14.16
CA ILE A 373 -8.10 -9.39 -13.10
C ILE A 373 -7.16 -8.20 -12.87
N ASP A 374 -7.71 -6.98 -12.91
CA ASP A 374 -6.96 -5.81 -12.49
C ASP A 374 -6.61 -5.97 -10.97
N PRO A 375 -5.29 -5.95 -10.61
CA PRO A 375 -4.88 -6.09 -9.19
C PRO A 375 -5.57 -5.07 -8.25
N ASP A 376 -5.86 -3.88 -8.78
CA ASP A 376 -6.55 -2.84 -8.01
C ASP A 376 -7.97 -3.29 -7.60
N VAL A 377 -8.61 -4.07 -8.47
CA VAL A 377 -9.97 -4.58 -8.23
C VAL A 377 -10.00 -5.71 -7.20
N ALA A 378 -8.98 -6.57 -7.26
CA ALA A 378 -8.76 -7.68 -6.35
C ALA A 378 -8.23 -7.31 -4.92
N TYR A 379 -7.60 -6.15 -4.79
CA TYR A 379 -6.96 -5.72 -3.57
C TYR A 379 -7.96 -5.66 -2.40
N SER A 380 -7.54 -6.20 -1.25
CA SER A 380 -8.34 -6.13 -0.03
C SER A 380 -7.49 -6.56 1.16
N SER A 381 -8.15 -6.81 2.28
CA SER A 381 -7.50 -7.27 3.51
C SER A 381 -7.13 -8.74 3.51
N VAL A 382 -7.69 -9.50 2.58
CA VAL A 382 -7.48 -10.95 2.61
C VAL A 382 -5.97 -11.37 2.63
N PRO A 383 -5.17 -10.87 1.69
CA PRO A 383 -3.75 -11.30 1.68
C PRO A 383 -3.03 -10.88 2.94
N TYR A 384 -3.43 -9.74 3.52
CA TYR A 384 -2.92 -9.26 4.79
C TYR A 384 -3.31 -10.21 5.93
N GLU A 385 -4.62 -10.35 6.13
CA GLU A 385 -5.14 -11.04 7.30
C GLU A 385 -5.19 -12.58 7.17
N LYS A 386 -5.57 -13.09 6.00
CA LYS A 386 -5.48 -14.55 5.84
C LYS A 386 -3.99 -14.96 5.81
N GLY A 387 -3.14 -14.11 5.21
CA GLY A 387 -1.71 -14.30 5.28
C GLY A 387 -1.23 -14.32 6.73
N PHE A 388 -1.63 -13.32 7.49
CA PHE A 388 -1.18 -13.27 8.86
C PHE A 388 -1.71 -14.49 9.65
N ALA A 389 -3.00 -14.78 9.49
CA ALA A 389 -3.61 -15.96 10.15
C ALA A 389 -2.85 -17.24 9.85
N LEU A 390 -2.45 -17.46 8.61
CA LEU A 390 -1.57 -18.63 8.31
C LEU A 390 -0.29 -18.71 9.17
N LEU A 391 0.41 -17.60 9.31
CA LEU A 391 1.69 -17.57 10.01
C LEU A 391 1.53 -17.62 11.52
N PHE A 392 0.44 -17.04 12.00
CA PHE A 392 0.12 -17.11 13.42
C PHE A 392 -0.27 -18.56 13.76
N TYR A 393 -1.09 -19.20 12.94
CA TYR A 393 -1.33 -20.65 13.07
C TYR A 393 -0.04 -21.51 13.11
N LEU A 394 0.83 -21.32 12.11
CA LEU A 394 2.12 -22.05 12.05
C LEU A 394 3.00 -21.72 13.25
N GLU A 395 3.02 -20.46 13.66
CA GLU A 395 3.75 -20.07 14.84
C GLU A 395 3.40 -20.95 16.08
N GLN A 396 2.10 -21.06 16.34
CA GLN A 396 1.61 -21.75 17.51
C GLN A 396 1.83 -23.27 17.38
N LEU A 397 1.68 -23.75 16.16
CA LEU A 397 1.87 -25.13 15.79
C LEU A 397 3.32 -25.62 15.99
N LEU A 398 4.27 -24.74 15.64
CA LEU A 398 5.66 -25.10 15.54
C LEU A 398 6.54 -24.70 16.74
N GLY A 399 5.93 -24.14 17.79
CA GLY A 399 6.68 -23.96 19.02
C GLY A 399 6.65 -22.58 19.65
N GLY A 400 6.00 -21.62 19.00
CA GLY A 400 5.83 -20.30 19.60
C GLY A 400 6.57 -19.20 18.85
N PRO A 401 6.41 -17.95 19.32
CA PRO A 401 6.94 -16.78 18.61
C PRO A 401 8.47 -16.79 18.43
N GLU A 402 9.23 -17.26 19.42
CA GLU A 402 10.69 -17.15 19.33
C GLU A 402 11.27 -18.08 18.25
N ILE A 403 10.69 -19.27 18.16
CA ILE A 403 10.99 -20.26 17.13
C ILE A 403 10.58 -19.79 15.72
N PHE A 404 9.37 -19.27 15.56
CA PHE A 404 8.93 -18.83 14.25
C PHE A 404 9.69 -17.58 13.78
N LEU A 405 10.13 -16.75 14.74
CA LEU A 405 10.91 -15.55 14.39
C LEU A 405 12.30 -15.89 13.89
N GLY A 406 12.89 -17.01 14.38
CA GLY A 406 14.12 -17.60 13.81
C GLY A 406 13.93 -18.03 12.36
N PHE A 407 12.76 -18.55 12.03
CA PHE A 407 12.42 -18.93 10.65
C PHE A 407 12.29 -17.69 9.73
N LEU A 408 11.54 -16.69 10.19
CA LEU A 408 11.41 -15.39 9.51
C LEU A 408 12.77 -14.76 9.24
N LYS A 409 13.65 -14.67 10.24
CA LYS A 409 15.01 -14.18 10.00
C LYS A 409 15.77 -15.00 8.96
N ALA A 410 15.70 -16.34 9.05
CA ALA A 410 16.38 -17.22 8.08
C ALA A 410 15.80 -17.11 6.67
N TYR A 411 14.47 -16.94 6.61
CA TYR A 411 13.70 -16.82 5.36
C TYR A 411 14.08 -15.54 4.59
N VAL A 412 14.24 -14.45 5.31
CA VAL A 412 14.76 -13.20 4.78
C VAL A 412 16.20 -13.31 4.28
N GLU A 413 17.12 -13.93 5.06
CA GLU A 413 18.53 -14.10 4.62
C GLU A 413 18.56 -14.92 3.35
N LYS A 414 17.78 -16.01 3.35
CA LYS A 414 17.68 -16.92 2.22
C LYS A 414 17.27 -16.26 0.90
N PHE A 415 16.27 -15.39 0.96
CA PHE A 415 15.67 -14.86 -0.24
C PHE A 415 15.89 -13.37 -0.47
N SER A 416 16.78 -12.75 0.28
CA SER A 416 17.15 -11.36 0.04
C SER A 416 17.58 -11.14 -1.40
N TYR A 417 17.13 -10.01 -1.99
CA TYR A 417 17.38 -9.65 -3.40
C TYR A 417 16.77 -10.62 -4.42
N LYS A 418 15.87 -11.47 -3.98
CA LYS A 418 15.16 -12.33 -4.92
C LYS A 418 13.65 -12.11 -4.95
N SER A 419 12.98 -12.69 -5.94
CA SER A 419 11.54 -12.73 -6.05
C SER A 419 11.10 -14.20 -6.01
N ILE A 420 10.09 -14.50 -5.19
CA ILE A 420 9.73 -15.88 -4.96
C ILE A 420 8.23 -16.15 -5.06
N THR A 421 7.89 -17.42 -5.18
CA THR A 421 6.48 -17.89 -5.22
C THR A 421 6.09 -18.48 -3.89
N THR A 422 4.81 -18.79 -3.73
CA THR A 422 4.35 -19.54 -2.57
C THR A 422 5.08 -20.90 -2.35
N ASP A 423 5.44 -21.60 -3.43
CA ASP A 423 6.17 -22.87 -3.30
C ASP A 423 7.60 -22.69 -2.83
N ASP A 424 8.30 -21.67 -3.37
CA ASP A 424 9.60 -21.27 -2.83
C ASP A 424 9.54 -21.11 -1.32
N TRP A 425 8.58 -20.34 -0.84
CA TRP A 425 8.37 -20.15 0.61
C TRP A 425 8.08 -21.44 1.39
N LYS A 426 7.15 -22.25 0.90
CA LYS A 426 6.75 -23.52 1.54
C LYS A 426 7.86 -24.59 1.51
N ASP A 427 8.56 -24.74 0.38
CA ASP A 427 9.76 -25.55 0.32
C ASP A 427 10.75 -25.14 1.40
N PHE A 428 11.05 -23.85 1.49
CA PHE A 428 11.94 -23.36 2.53
C PHE A 428 11.44 -23.61 3.95
N LEU A 429 10.13 -23.44 4.19
CA LEU A 429 9.52 -23.72 5.51
C LEU A 429 9.76 -25.19 5.92
N TYR A 430 9.67 -26.07 4.94
CA TYR A 430 9.92 -27.52 5.11
C TYR A 430 11.41 -27.85 5.39
N SER A 431 12.30 -27.18 4.67
CA SER A 431 13.73 -27.27 4.93
C SER A 431 14.06 -26.75 6.35
N TYR A 432 13.69 -25.51 6.67
CA TYR A 432 13.90 -24.95 8.01
C TYR A 432 13.39 -25.83 9.20
N PHE A 433 12.20 -26.35 9.05
CA PHE A 433 11.59 -27.12 10.12
C PHE A 433 11.62 -28.62 9.78
N LYS A 434 12.76 -29.10 9.29
CA LYS A 434 12.95 -30.51 8.86
C LYS A 434 12.49 -31.47 9.96
N ASP A 435 12.85 -31.14 11.19
CA ASP A 435 12.55 -31.95 12.36
C ASP A 435 11.10 -31.86 12.84
N LYS A 436 10.26 -31.18 12.06
CA LYS A 436 8.86 -30.94 12.43
C LYS A 436 7.98 -31.09 11.20
N VAL A 437 8.45 -31.91 10.26
CA VAL A 437 7.74 -32.13 9.02
C VAL A 437 6.43 -32.91 9.18
N ASP A 438 6.29 -33.64 10.29
CA ASP A 438 5.06 -34.35 10.61
C ASP A 438 4.01 -33.36 11.06
N VAL A 439 4.43 -32.40 11.88
CA VAL A 439 3.61 -31.29 12.32
C VAL A 439 3.18 -30.43 11.11
N LEU A 440 4.13 -30.16 10.20
CA LEU A 440 3.86 -29.45 8.95
C LEU A 440 2.88 -30.22 8.06
N ASN A 441 2.94 -31.55 8.11
CA ASN A 441 2.04 -32.36 7.27
C ASN A 441 0.62 -32.45 7.80
N GLN A 442 0.41 -32.00 9.04
CA GLN A 442 -0.95 -31.84 9.58
C GLN A 442 -1.68 -30.63 8.98
N VAL A 443 -0.95 -29.65 8.40
CA VAL A 443 -1.66 -28.49 7.83
C VAL A 443 -2.39 -28.76 6.55
N ASP A 444 -3.59 -28.21 6.45
CA ASP A 444 -4.41 -28.32 5.26
C ASP A 444 -3.97 -27.29 4.24
N TRP A 445 -2.85 -27.60 3.58
CA TRP A 445 -2.19 -26.71 2.61
C TRP A 445 -3.08 -26.26 1.47
N ASN A 446 -3.88 -27.19 0.96
CA ASN A 446 -4.74 -26.87 -0.15
C ASN A 446 -5.81 -25.87 0.26
N ALA A 447 -6.27 -25.96 1.50
CA ALA A 447 -7.36 -25.10 1.99
C ALA A 447 -6.82 -23.74 2.33
N TRP A 448 -5.72 -23.69 3.07
CA TRP A 448 -5.10 -22.44 3.47
C TRP A 448 -4.69 -21.59 2.25
N LEU A 449 -4.01 -22.20 1.30
CA LEU A 449 -3.48 -21.47 0.15
C LEU A 449 -4.45 -21.27 -1.03
N TYR A 450 -5.36 -22.21 -1.23
CA TYR A 450 -6.11 -22.23 -2.50
C TYR A 450 -7.64 -22.22 -2.42
N SER A 451 -8.18 -22.39 -1.20
CA SER A 451 -9.63 -22.41 -1.01
C SER A 451 -10.16 -21.03 -0.63
N PRO A 452 -11.39 -20.72 -1.06
CA PRO A 452 -12.02 -19.50 -0.65
C PRO A 452 -12.56 -19.60 0.78
N GLY A 453 -12.97 -18.44 1.30
CA GLY A 453 -13.58 -18.37 2.61
C GLY A 453 -12.57 -18.25 3.74
N LEU A 454 -13.10 -18.26 4.96
CA LEU A 454 -12.31 -18.23 6.16
C LEU A 454 -11.43 -19.47 6.19
N PRO A 455 -10.24 -19.37 6.82
CA PRO A 455 -9.30 -20.50 6.87
C PRO A 455 -9.93 -21.73 7.58
N PRO A 456 -9.36 -22.94 7.41
CA PRO A 456 -9.96 -24.14 8.03
C PRO A 456 -9.78 -24.24 9.55
N ILE A 457 -8.82 -23.50 10.08
CA ILE A 457 -8.47 -23.51 11.49
C ILE A 457 -8.23 -22.08 11.96
N LYS A 458 -8.73 -21.77 13.15
CA LYS A 458 -8.52 -20.46 13.75
C LYS A 458 -7.46 -20.56 14.82
N PRO A 459 -6.45 -19.68 14.75
CA PRO A 459 -5.46 -19.66 15.83
C PRO A 459 -6.04 -19.42 17.25
N ASN A 460 -5.19 -19.59 18.25
CA ASN A 460 -5.55 -19.31 19.63
C ASN A 460 -5.13 -17.87 19.96
N TYR A 461 -6.06 -17.09 20.50
CA TYR A 461 -5.84 -15.70 20.84
C TYR A 461 -6.09 -15.45 22.32
N ASP A 462 -5.15 -14.81 23.00
CA ASP A 462 -5.42 -14.20 24.30
C ASP A 462 -6.49 -13.12 24.10
N MET A 463 -7.53 -13.15 24.94
CA MET A 463 -8.66 -12.19 24.87
C MET A 463 -8.59 -11.05 25.87
N THR A 464 -7.51 -10.94 26.62
CA THR A 464 -7.48 -10.06 27.78
C THR A 464 -7.96 -8.63 27.49
N LEU A 465 -7.41 -8.01 26.43
CA LEU A 465 -7.72 -6.60 26.12
C LEU A 465 -9.00 -6.45 25.32
N THR A 466 -9.43 -7.56 24.74
CA THR A 466 -10.60 -7.60 23.87
C THR A 466 -11.91 -7.69 24.64
N ASN A 467 -11.90 -8.37 25.79
CA ASN A 467 -13.10 -8.68 26.56
C ASN A 467 -13.94 -7.47 26.92
N ALA A 468 -13.32 -6.40 27.42
CA ALA A 468 -14.09 -5.18 27.74
C ALA A 468 -14.79 -4.54 26.53
N CYS A 469 -14.20 -4.70 25.35
CA CYS A 469 -14.78 -4.22 24.09
C CYS A 469 -16.00 -5.04 23.71
N ILE A 470 -15.84 -6.38 23.75
CA ILE A 470 -16.93 -7.33 23.54
C ILE A 470 -18.06 -7.17 24.55
N ALA A 471 -17.71 -6.93 25.82
CA ALA A 471 -18.69 -6.76 26.87
C ALA A 471 -19.53 -5.53 26.62
N LEU A 472 -18.88 -4.41 26.31
CA LEU A 472 -19.57 -3.12 26.08
C LEU A 472 -20.48 -3.17 24.86
N SER A 473 -19.96 -3.80 23.80
CA SER A 473 -20.66 -3.91 22.54
C SER A 473 -21.93 -4.75 22.73
N GLN A 474 -21.82 -5.84 23.47
CA GLN A 474 -22.96 -6.71 23.79
C GLN A 474 -24.00 -6.01 24.66
N ARG A 475 -23.56 -5.15 25.59
CA ARG A 475 -24.52 -4.32 26.33
C ARG A 475 -25.38 -3.45 25.40
N TRP A 476 -24.76 -2.86 24.40
CA TRP A 476 -25.45 -1.97 23.48
C TRP A 476 -26.38 -2.78 22.55
N ILE A 477 -25.89 -3.87 22.00
CA ILE A 477 -26.72 -4.70 21.10
C ILE A 477 -27.97 -5.30 21.78
N THR A 478 -27.80 -5.81 23.00
CA THR A 478 -28.89 -6.41 23.79
C THR A 478 -29.73 -5.37 24.53
N ALA A 479 -29.35 -4.10 24.52
CA ALA A 479 -30.11 -3.11 25.25
C ALA A 479 -31.48 -2.85 24.59
N LYS A 480 -32.50 -2.65 25.42
CA LYS A 480 -33.74 -2.04 24.96
C LYS A 480 -33.78 -0.60 25.44
N GLU A 481 -34.83 0.09 25.05
CA GLU A 481 -34.93 1.52 25.35
C GLU A 481 -34.78 1.81 26.80
N ASP A 482 -35.36 0.98 27.68
CA ASP A 482 -35.30 1.30 29.08
C ASP A 482 -33.91 1.10 29.73
N ASP A 483 -32.94 0.66 28.92
CA ASP A 483 -31.55 0.41 29.32
C ASP A 483 -30.59 1.53 28.85
N LEU A 484 -31.06 2.40 27.95
CA LEU A 484 -30.20 3.43 27.38
C LEU A 484 -29.76 4.50 28.38
N ASN A 485 -30.55 4.72 29.43
CA ASN A 485 -30.21 5.67 30.51
C ASN A 485 -28.96 5.25 31.29
N SER A 486 -28.70 3.96 31.35
CA SER A 486 -27.62 3.43 32.15
C SER A 486 -26.28 3.56 31.44
N PHE A 487 -26.28 3.81 30.14
CA PHE A 487 -25.04 4.13 29.44
C PHE A 487 -24.52 5.52 29.83
N ASN A 488 -23.21 5.61 29.93
CA ASN A 488 -22.58 6.77 30.52
C ASN A 488 -21.15 6.94 30.01
N ALA A 489 -20.67 8.19 29.96
CA ALA A 489 -19.26 8.49 29.62
C ALA A 489 -18.22 7.62 30.36
N THR A 490 -18.52 7.25 31.60
CA THR A 490 -17.62 6.46 32.42
C THR A 490 -17.39 5.06 31.88
N ASP A 491 -18.27 4.61 30.99
CA ASP A 491 -18.17 3.30 30.34
C ASP A 491 -16.83 3.16 29.58
N LEU A 492 -16.32 4.29 29.08
CA LEU A 492 -15.12 4.36 28.23
C LEU A 492 -13.84 4.66 29.01
N LYS A 493 -14.03 4.85 30.32
CA LYS A 493 -13.02 5.28 31.30
C LYS A 493 -11.71 4.56 31.11
N ASP A 494 -11.78 3.24 31.01
CA ASP A 494 -10.60 2.39 31.04
C ASP A 494 -10.27 1.77 29.67
N LEU A 495 -10.75 2.39 28.61
CA LEU A 495 -10.49 1.85 27.26
C LEU A 495 -9.46 2.75 26.59
N SER A 496 -8.45 2.16 25.97
CA SER A 496 -7.52 2.91 25.13
C SER A 496 -8.26 3.30 23.84
N SER A 497 -7.67 4.16 22.99
CA SER A 497 -8.25 4.43 21.67
C SER A 497 -8.43 3.14 20.88
N HIS A 498 -7.48 2.22 21.07
CA HIS A 498 -7.48 0.94 20.36
C HIS A 498 -8.69 0.12 20.72
N GLN A 499 -9.00 0.13 22.01
CA GLN A 499 -10.17 -0.59 22.55
C GLN A 499 -11.47 0.09 22.15
N LEU A 500 -11.46 1.40 22.03
CA LEU A 500 -12.63 2.15 21.56
C LEU A 500 -12.87 1.81 20.10
N ASN A 501 -11.79 1.75 19.35
CA ASN A 501 -11.88 1.29 18.01
C ASN A 501 -12.45 -0.13 17.87
N GLU A 502 -12.02 -1.04 18.75
CA GLU A 502 -12.47 -2.44 18.69
C GLU A 502 -13.93 -2.57 19.16
N PHE A 503 -14.30 -1.77 20.15
CA PHE A 503 -15.69 -1.65 20.56
C PHE A 503 -16.58 -1.33 19.37
N LEU A 504 -16.19 -0.33 18.58
CA LEU A 504 -16.96 0.07 17.40
C LEU A 504 -16.92 -0.96 16.27
N ALA A 505 -15.78 -1.63 16.07
CA ALA A 505 -15.64 -2.71 15.07
C ALA A 505 -16.61 -3.86 15.36
N GLN A 506 -16.67 -4.25 16.63
CA GLN A 506 -17.61 -5.23 17.16
C GLN A 506 -19.05 -4.85 16.92
N THR A 507 -19.41 -3.61 17.25
CA THR A 507 -20.81 -3.14 17.14
C THR A 507 -21.20 -3.04 15.68
N LEU A 508 -20.32 -2.42 14.88
CA LEU A 508 -20.46 -2.37 13.42
C LEU A 508 -20.70 -3.74 12.76
N GLN A 509 -20.10 -4.81 13.30
CA GLN A 509 -20.38 -6.15 12.80
C GLN A 509 -21.85 -6.58 12.93
N ARG A 510 -22.59 -5.96 13.85
CA ARG A 510 -24.02 -6.28 14.07
C ARG A 510 -24.90 -5.13 13.58
N ALA A 511 -24.33 -4.20 12.84
CA ALA A 511 -25.10 -3.06 12.39
C ALA A 511 -26.08 -3.52 11.31
N PRO A 512 -27.26 -2.88 11.20
CA PRO A 512 -27.74 -1.66 11.91
C PRO A 512 -28.08 -1.85 13.37
N LEU A 513 -27.92 -0.79 14.18
CA LEU A 513 -28.55 -0.78 15.50
C LEU A 513 -29.82 0.10 15.44
N PRO A 514 -30.70 0.03 16.46
CA PRO A 514 -31.79 1.04 16.44
C PRO A 514 -31.19 2.43 16.50
N LEU A 515 -31.86 3.34 15.80
CA LEU A 515 -31.49 4.74 15.65
C LEU A 515 -31.40 5.41 17.01
N GLY A 516 -32.34 5.09 17.89
CA GLY A 516 -32.33 5.60 19.27
C GLY A 516 -31.10 5.22 20.08
N HIS A 517 -30.63 3.98 19.92
CA HIS A 517 -29.35 3.54 20.51
C HIS A 517 -28.13 4.38 19.99
N ILE A 518 -28.04 4.60 18.68
CA ILE A 518 -26.98 5.41 18.08
C ILE A 518 -27.07 6.89 18.51
N LYS A 519 -28.28 7.47 18.53
CA LYS A 519 -28.43 8.82 19.06
C LYS A 519 -27.95 8.87 20.51
N ARG A 520 -28.29 7.84 21.30
CA ARG A 520 -27.89 7.81 22.71
C ARG A 520 -26.37 7.72 22.82
N MET A 521 -25.78 6.91 21.95
CA MET A 521 -24.33 6.70 21.92
C MET A 521 -23.60 8.03 21.69
N GLN A 522 -24.13 8.85 20.79
CA GLN A 522 -23.57 10.18 20.61
C GLN A 522 -23.81 11.08 21.85
N GLU A 523 -24.98 10.96 22.50
CA GLU A 523 -25.30 11.72 23.69
C GLU A 523 -24.27 11.43 24.80
N VAL A 524 -24.00 10.15 25.05
CA VAL A 524 -23.17 9.79 26.18
C VAL A 524 -21.67 9.67 25.88
N TYR A 525 -21.31 9.37 24.63
CA TYR A 525 -19.87 9.22 24.32
C TYR A 525 -19.29 10.30 23.41
N ASN A 526 -20.13 11.13 22.82
CA ASN A 526 -19.69 12.20 21.94
C ASN A 526 -18.62 11.71 20.97
N PHE A 527 -18.95 10.66 20.22
CA PHE A 527 -18.04 10.13 19.21
C PHE A 527 -17.87 11.11 18.03
N ASN A 528 -18.79 12.07 17.92
CA ASN A 528 -18.69 13.02 16.82
C ASN A 528 -17.47 13.91 16.98
N ALA A 529 -17.00 14.08 18.21
CA ALA A 529 -15.84 14.95 18.52
C ALA A 529 -14.48 14.28 18.32
N ILE A 530 -14.49 12.97 18.09
CA ILE A 530 -13.25 12.21 17.93
C ILE A 530 -12.70 12.38 16.52
N ASN A 531 -11.43 12.74 16.42
CA ASN A 531 -10.85 13.03 15.13
C ASN A 531 -9.90 11.92 14.66
N ASN A 532 -9.57 10.98 15.55
CA ASN A 532 -8.94 9.71 15.15
C ASN A 532 -9.66 9.07 13.95
N SER A 533 -8.99 9.03 12.80
CA SER A 533 -9.60 8.58 11.52
C SER A 533 -10.14 7.14 11.57
N GLU A 534 -9.44 6.25 12.24
CA GLU A 534 -9.98 4.87 12.40
C GLU A 534 -11.31 4.85 13.16
N ILE A 535 -11.34 5.52 14.31
CA ILE A 535 -12.52 5.59 15.15
C ILE A 535 -13.61 6.34 14.40
N ARG A 536 -13.28 7.49 13.84
CA ARG A 536 -14.30 8.30 13.18
C ARG A 536 -14.93 7.55 12.02
N PHE A 537 -14.10 6.92 11.20
CA PHE A 537 -14.56 6.02 10.14
C PHE A 537 -15.67 5.02 10.56
N ARG A 538 -15.39 4.20 11.58
CA ARG A 538 -16.31 3.14 11.97
C ARG A 538 -17.55 3.67 12.69
N TRP A 539 -17.40 4.78 13.41
CA TRP A 539 -18.54 5.48 14.00
C TRP A 539 -19.47 6.00 12.90
N LEU A 540 -18.93 6.68 11.89
CA LEU A 540 -19.77 7.22 10.83
C LEU A 540 -20.46 6.08 10.05
N ARG A 541 -19.72 4.99 9.78
CA ARG A 541 -20.34 3.77 9.20
C ARG A 541 -21.51 3.22 10.02
N LEU A 542 -21.29 3.03 11.31
CA LEU A 542 -22.36 2.60 12.25
C LEU A 542 -23.58 3.52 12.16
N CYS A 543 -23.36 4.83 12.17
CA CYS A 543 -24.43 5.83 11.98
C CYS A 543 -25.22 5.79 10.67
N ILE A 544 -24.49 5.79 9.53
CA ILE A 544 -25.10 5.70 8.22
C ILE A 544 -25.84 4.37 8.03
N GLN A 545 -25.22 3.27 8.46
CA GLN A 545 -25.88 1.96 8.41
C GLN A 545 -27.10 1.82 9.33
N SER A 546 -27.11 2.50 10.47
CA SER A 546 -28.26 2.59 11.37
C SER A 546 -29.25 3.73 10.99
N LYS A 547 -28.99 4.33 9.82
CA LYS A 547 -29.90 5.27 9.17
C LYS A 547 -30.08 6.59 9.92
N TRP A 548 -29.00 7.12 10.48
CA TRP A 548 -29.02 8.44 11.13
C TRP A 548 -28.69 9.49 10.09
N GLU A 549 -29.70 10.29 9.73
CA GLU A 549 -29.59 11.35 8.74
C GLU A 549 -28.61 12.47 9.12
N ASP A 550 -28.43 12.70 10.42
CA ASP A 550 -27.56 13.77 10.88
C ASP A 550 -26.12 13.45 10.48
N ALA A 551 -25.84 12.18 10.25
CA ALA A 551 -24.50 11.70 9.96
C ALA A 551 -24.14 11.79 8.48
N ILE A 552 -25.14 12.02 7.63
CA ILE A 552 -24.91 12.12 6.18
C ILE A 552 -23.85 13.12 5.82
N PRO A 553 -24.00 14.43 6.22
CA PRO A 553 -22.95 15.41 5.90
C PRO A 553 -21.59 15.08 6.55
N LEU A 554 -21.60 14.48 7.74
CA LEU A 554 -20.32 14.09 8.39
C LEU A 554 -19.60 13.01 7.57
N ALA A 555 -20.35 12.01 7.09
CA ALA A 555 -19.82 10.95 6.24
C ALA A 555 -19.36 11.45 4.84
N LEU A 556 -20.21 12.26 4.18
CA LEU A 556 -19.86 12.91 2.91
C LEU A 556 -18.55 13.70 3.05
N LYS A 557 -18.45 14.46 4.11
CA LYS A 557 -17.26 15.27 4.34
C LYS A 557 -16.01 14.39 4.54
N MET A 558 -16.09 13.33 5.33
CA MET A 558 -14.90 12.49 5.52
C MET A 558 -14.52 11.76 4.22
N ALA A 559 -15.53 11.46 3.40
CA ALA A 559 -15.31 10.65 2.19
C ALA A 559 -14.52 11.42 1.16
N THR A 560 -14.74 12.73 1.16
CA THR A 560 -14.20 13.61 0.14
C THR A 560 -13.02 14.43 0.65
N GLU A 561 -12.96 14.71 1.96
CA GLU A 561 -11.83 15.52 2.52
C GLU A 561 -10.51 14.74 2.62
N GLN A 562 -10.59 13.42 2.52
CA GLN A 562 -9.40 12.60 2.41
C GLN A 562 -9.76 11.52 1.42
N GLY A 563 -8.75 10.81 0.89
CA GLY A 563 -9.00 9.82 -0.16
C GLY A 563 -8.41 8.45 0.10
N ARG A 564 -7.98 8.20 1.34
CA ARG A 564 -7.53 6.86 1.76
C ARG A 564 -8.64 5.86 1.46
N MET A 565 -8.43 5.02 0.46
CA MET A 565 -9.50 4.12 -0.03
C MET A 565 -10.16 3.22 1.00
N LYS A 566 -9.37 2.78 1.98
CA LYS A 566 -9.88 2.10 3.17
C LYS A 566 -11.11 2.79 3.77
N PHE A 567 -11.07 4.13 3.80
CA PHE A 567 -12.16 4.91 4.37
C PHE A 567 -13.16 5.39 3.32
N THR A 568 -12.64 6.01 2.27
CA THR A 568 -13.41 6.59 1.16
C THR A 568 -14.33 5.59 0.43
N ARG A 569 -13.83 4.38 0.15
CA ARG A 569 -14.70 3.43 -0.52
C ARG A 569 -15.93 2.95 0.28
N PRO A 570 -15.71 2.46 1.52
CA PRO A 570 -16.87 2.05 2.33
C PRO A 570 -17.79 3.18 2.77
N LEU A 571 -17.32 4.40 2.89
CA LEU A 571 -18.19 5.53 3.20
C LEU A 571 -19.13 5.87 2.01
N PHE A 572 -18.58 6.06 0.81
CA PHE A 572 -19.43 6.20 -0.38
C PHE A 572 -20.42 5.04 -0.56
N LYS A 573 -19.95 3.79 -0.46
CA LYS A 573 -20.82 2.59 -0.53
C LYS A 573 -21.94 2.58 0.50
N ASP A 574 -21.60 2.89 1.75
CA ASP A 574 -22.62 3.03 2.79
C ASP A 574 -23.58 4.21 2.50
N LEU A 575 -23.03 5.33 2.06
CA LEU A 575 -23.86 6.49 1.70
C LEU A 575 -24.81 6.15 0.52
N ALA A 576 -24.31 5.40 -0.46
CA ALA A 576 -25.11 4.95 -1.59
C ALA A 576 -26.21 3.94 -1.27
N ALA A 577 -26.02 3.13 -0.22
CA ALA A 577 -27.01 2.08 0.10
C ALA A 577 -28.07 2.66 1.02
N PHE A 578 -27.80 3.84 1.57
CA PHE A 578 -28.75 4.56 2.42
C PHE A 578 -29.63 5.39 1.51
N ASP A 579 -30.92 5.09 1.45
CA ASP A 579 -31.81 5.71 0.45
C ASP A 579 -31.88 7.23 0.54
N LYS A 580 -31.91 7.74 1.75
CA LYS A 580 -31.84 9.17 2.00
C LYS A 580 -30.55 9.83 1.49
N SER A 581 -29.44 9.11 1.40
CA SER A 581 -28.18 9.79 0.99
C SER A 581 -27.70 9.37 -0.41
N HIS A 582 -28.34 8.37 -0.97
CA HIS A 582 -27.98 7.84 -2.27
C HIS A 582 -27.70 8.83 -3.37
N ASP A 583 -28.68 9.68 -3.73
CA ASP A 583 -28.51 10.64 -4.82
C ASP A 583 -27.38 11.64 -4.53
N GLN A 584 -27.31 12.15 -3.31
CA GLN A 584 -26.17 12.98 -2.91
C GLN A 584 -24.80 12.30 -2.98
N ALA A 585 -24.74 11.01 -2.68
CA ALA A 585 -23.46 10.27 -2.77
C ALA A 585 -22.95 10.21 -4.20
N VAL A 586 -23.81 9.73 -5.10
CA VAL A 586 -23.58 9.68 -6.52
C VAL A 586 -23.20 11.06 -7.08
N ARG A 587 -24.00 12.07 -6.74
CA ARG A 587 -23.69 13.46 -7.11
C ARG A 587 -22.34 14.00 -6.58
N THR A 588 -22.03 13.74 -5.31
CA THR A 588 -20.77 14.21 -4.75
C THR A 588 -19.58 13.55 -5.46
N TYR A 589 -19.72 12.26 -5.76
CA TYR A 589 -18.71 11.56 -6.49
C TYR A 589 -18.49 12.21 -7.87
N GLN A 590 -19.56 12.46 -8.62
CA GLN A 590 -19.45 13.07 -9.95
C GLN A 590 -18.75 14.45 -9.97
N GLU A 591 -19.00 15.22 -8.92
CA GLU A 591 -18.38 16.52 -8.73
C GLU A 591 -16.90 16.42 -8.42
N HIS A 592 -16.51 15.45 -7.59
CA HIS A 592 -15.11 15.35 -7.12
C HIS A 592 -14.24 14.49 -8.00
N LYS A 593 -14.87 13.60 -8.75
CA LYS A 593 -14.23 12.61 -9.63
C LYS A 593 -12.99 13.12 -10.42
N ALA A 594 -13.11 14.27 -11.08
CA ALA A 594 -12.06 14.72 -11.99
C ALA A 594 -10.80 15.11 -11.20
N SER A 595 -10.98 15.47 -9.94
CA SER A 595 -9.89 15.89 -9.08
C SER A 595 -9.52 14.82 -7.99
N MET A 596 -10.04 13.61 -8.16
CA MET A 596 -9.69 12.50 -7.32
C MET A 596 -8.42 11.78 -7.85
N HIS A 597 -7.85 10.90 -7.04
CA HIS A 597 -6.79 10.04 -7.48
C HIS A 597 -7.39 9.09 -8.50
N PRO A 598 -6.69 8.89 -9.64
CA PRO A 598 -7.28 8.22 -10.75
C PRO A 598 -7.75 6.81 -10.42
N VAL A 599 -7.09 6.11 -9.50
CA VAL A 599 -7.45 4.73 -9.15
C VAL A 599 -8.64 4.71 -8.18
N THR A 600 -8.60 5.60 -7.18
CA THR A 600 -9.68 5.78 -6.25
C THR A 600 -10.93 6.15 -7.05
N ALA A 601 -10.78 7.04 -8.03
CA ALA A 601 -11.91 7.50 -8.85
C ALA A 601 -12.54 6.34 -9.56
N MET A 602 -11.70 5.49 -10.16
CA MET A 602 -12.10 4.29 -10.90
C MET A 602 -12.89 3.34 -10.03
N LEU A 603 -12.36 3.04 -8.84
CA LEU A 603 -12.91 2.02 -7.98
C LEU A 603 -14.18 2.47 -7.28
N VAL A 604 -14.24 3.74 -6.89
CA VAL A 604 -15.46 4.33 -6.32
C VAL A 604 -16.59 4.39 -7.34
N GLY A 605 -16.27 4.82 -8.56
CA GLY A 605 -17.19 4.74 -9.68
C GLY A 605 -17.77 3.37 -9.90
N LYS A 606 -16.96 2.30 -9.85
CA LYS A 606 -17.47 0.93 -9.94
C LYS A 606 -18.32 0.53 -8.73
N ASP A 607 -17.87 0.94 -7.55
CA ASP A 607 -18.58 0.64 -6.31
C ASP A 607 -20.01 1.19 -6.37
N LEU A 608 -20.14 2.41 -6.89
CA LEU A 608 -21.41 3.14 -6.95
C LEU A 608 -22.22 2.72 -8.16
N LYS A 609 -21.60 1.92 -9.03
CA LYS A 609 -22.19 1.49 -10.30
C LYS A 609 -22.57 2.70 -11.12
N VAL A 610 -21.65 3.67 -11.17
CA VAL A 610 -21.81 4.87 -11.97
C VAL A 610 -20.81 4.88 -13.12
N ASP A 611 -21.11 5.77 -14.08
CA ASP A 611 -20.47 5.84 -15.40
C ASP A 611 -20.50 4.45 -16.04
ZN ZN B . 1.97 -3.88 3.17
YB YB C . -36.16 -3.69 30.13
C1 STL D . -5.44 -10.68 -3.60
C2 STL D . -4.51 -11.64 -3.88
C3 STL D . -3.36 -11.33 -4.54
C4 STL D . -3.11 -10.03 -4.94
C5 STL D . -4.05 -9.04 -4.71
C6 STL D . -5.19 -9.38 -4.00
C7 STL D . -3.79 -7.62 -5.03
C8 STL D . -2.53 -7.17 -5.20
C9 STL D . -2.27 -5.71 -5.33
C10 STL D . -3.23 -4.84 -5.81
C11 STL D . -2.98 -3.46 -5.84
C12 STL D . -1.79 -2.95 -5.31
C13 STL D . -0.85 -3.83 -4.80
C14 STL D . -1.10 -5.20 -4.80
O1 STL D . -1.54 -1.60 -5.34
O2 STL D . -2.48 -12.34 -4.79
O3 STL D . -6.59 -11.07 -2.95
C ACT E . -37.88 -4.44 27.60
O ACT E . -37.57 -5.62 28.06
OXT ACT E . -37.46 -3.41 28.22
CH3 ACT E . -38.69 -4.22 26.38
N1 IMD F . -12.97 -6.19 12.88
C2 IMD F . -12.15 -5.91 13.93
N3 IMD F . -12.73 -6.39 15.06
C4 IMD F . -13.91 -6.97 14.75
C5 IMD F . -14.04 -6.84 13.36
#